data_2OFX
#
_entry.id   2OFX
#
_cell.length_a   51.400
_cell.length_b   63.320
_cell.length_c   61.690
_cell.angle_alpha   90.000
_cell.angle_beta   114.380
_cell.angle_gamma   90.000
#
_symmetry.space_group_name_H-M   'P 1 21 1'
#
loop_
_entity.id
_entity.type
_entity.pdbx_description
1 polymer "Bifunctional 3'-phosphoadenosine 5'-phosphosulfate synthetase 1"
2 non-polymer 'MAGNESIUM ION'
3 non-polymer 'PHOSPHATE ION'
4 non-polymer "3'-PHOSPHATE-ADENOSINE-5'-PHOSPHATE SULFATE"
5 non-polymer "ADENOSINE-5'-DIPHOSPHATE"
6 water water
#
_entity_poly.entity_id   1
_entity_poly.type   'polypeptide(L)'
_entity_poly.pdbx_seq_one_letter_code
;QGHMATNVTYQAHHVSRNKRGQVVGTRGGFRGCTVWLTGLSGAGKTTVSMALEEYLVCHGIPCYTLDGDNIRQGLNKNLG
FSPEDREENVRRIAEVAKLFADAGLVCITSFISPYTQDRNNARQIHEGASLPFFEVFVDAPLHVCEQRDVKGLYKKARAG
EIKGFTGIDSEYEKPEAPELVLKTDSCDVNDCVQQVVELLQERDIVP
;
_entity_poly.pdbx_strand_id   A,B
#
# COMPACT_ATOMS: atom_id res chain seq x y z
N HIS A 3 10.88 -10.95 15.00
CA HIS A 3 10.21 -11.13 13.67
C HIS A 3 8.70 -11.30 13.85
N MET A 4 8.14 -10.51 14.76
CA MET A 4 6.71 -10.57 15.09
C MET A 4 6.39 -9.36 15.96
N ALA A 5 5.51 -8.50 15.46
CA ALA A 5 5.04 -7.32 16.19
C ALA A 5 4.30 -7.69 17.46
N THR A 6 4.79 -7.12 18.56
CA THR A 6 4.27 -7.34 19.90
C THR A 6 3.93 -5.98 20.47
N ASN A 7 3.01 -5.99 21.45
CA ASN A 7 2.66 -4.76 22.16
C ASN A 7 2.26 -3.67 21.21
N VAL A 8 1.59 -4.06 20.14
CA VAL A 8 0.97 -3.12 19.22
C VAL A 8 -0.53 -3.06 19.44
N THR A 9 -1.07 -1.86 19.31
CA THR A 9 -2.48 -1.60 19.53
C THR A 9 -3.06 -0.93 18.30
N TYR A 10 -4.09 -1.56 17.75
CA TYR A 10 -4.92 -0.94 16.72
C TYR A 10 -5.35 0.51 17.05
N GLN A 11 -5.20 1.36 16.05
CA GLN A 11 -5.45 2.78 16.17
C GLN A 11 -6.53 3.10 15.16
N ALA A 12 -7.69 3.47 15.66
CA ALA A 12 -8.83 3.68 14.77
C ALA A 12 -8.65 4.98 13.98
N HIS A 13 -9.04 4.95 12.72
CA HIS A 13 -9.12 6.18 11.93
C HIS A 13 -10.26 7.03 12.43
N HIS A 14 -10.27 8.29 12.03
CA HIS A 14 -11.33 9.21 12.41
C HIS A 14 -12.17 9.64 11.21
N VAL A 15 -12.17 8.82 10.16
CA VAL A 15 -12.99 9.08 8.97
C VAL A 15 -13.75 7.80 8.66
N SER A 16 -15.01 7.93 8.30
CA SER A 16 -15.80 6.76 8.01
C SER A 16 -15.60 6.38 6.57
N ARG A 17 -15.99 5.17 6.25
CA ARG A 17 -15.94 4.67 4.89
C ARG A 17 -16.85 5.49 4.00
N ASN A 18 -18.05 5.81 4.50
CA ASN A 18 -18.94 6.72 3.76
C ASN A 18 -18.30 8.05 3.44
N LYS A 19 -17.57 8.62 4.40
CA LYS A 19 -16.97 9.93 4.19
C LYS A 19 -15.83 9.83 3.18
N ARG A 20 -15.10 8.72 3.21
CA ARG A 20 -14.13 8.43 2.15
C ARG A 20 -14.79 8.27 0.79
N GLY A 21 -15.90 7.53 0.75
CA GLY A 21 -16.69 7.43 -0.47
C GLY A 21 -17.00 8.79 -1.08
N GLN A 22 -17.25 9.79 -0.23
CA GLN A 22 -17.59 11.14 -0.68
C GLN A 22 -16.42 11.90 -1.27
N VAL A 23 -15.22 11.60 -0.77
CA VAL A 23 -14.02 12.38 -1.07
C VAL A 23 -13.27 11.81 -2.27
N VAL A 24 -13.34 10.48 -2.41
CA VAL A 24 -12.64 9.76 -3.47
C VAL A 24 -13.45 9.82 -4.77
N GLY A 25 -12.83 10.37 -5.81
CA GLY A 25 -13.52 10.45 -7.09
C GLY A 25 -14.63 11.45 -7.15
N THR A 26 -15.22 11.58 -8.33
CA THR A 26 -16.26 12.56 -8.60
C THR A 26 -17.63 11.90 -8.63
N ARG A 27 -17.63 10.56 -8.55
CA ARG A 27 -18.85 9.76 -8.57
C ARG A 27 -19.14 9.27 -7.16
N GLY A 28 -20.32 9.59 -6.65
CA GLY A 28 -20.65 9.31 -5.25
C GLY A 28 -20.77 7.85 -4.87
N GLY A 29 -20.25 7.52 -3.68
CA GLY A 29 -20.42 6.20 -3.08
C GLY A 29 -19.07 5.56 -2.77
N PHE A 30 -19.02 4.81 -1.69
CA PHE A 30 -17.80 4.05 -1.44
C PHE A 30 -17.73 2.79 -2.32
N ARG A 31 -16.61 2.61 -3.01
CA ARG A 31 -16.44 1.46 -3.90
C ARG A 31 -15.05 0.85 -3.84
N GLY A 32 -14.39 1.05 -2.71
CA GLY A 32 -13.13 0.38 -2.44
C GLY A 32 -13.32 -1.12 -2.52
N CYS A 33 -12.41 -1.76 -3.24
CA CYS A 33 -12.44 -3.19 -3.39
C CYS A 33 -11.13 -3.61 -4.03
N THR A 34 -10.99 -4.92 -4.17
CA THR A 34 -9.84 -5.46 -4.82
C THR A 34 -10.24 -6.40 -5.91
N VAL A 35 -9.69 -6.13 -7.09
CA VAL A 35 -9.81 -7.05 -8.22
C VAL A 35 -8.47 -7.78 -8.29
N TRP A 36 -8.51 -9.04 -7.89
CA TRP A 36 -7.36 -9.90 -7.74
C TRP A 36 -7.23 -10.80 -8.95
N LEU A 37 -6.33 -10.45 -9.85
CA LEU A 37 -6.08 -11.26 -11.00
C LEU A 37 -5.12 -12.34 -10.58
N THR A 38 -5.23 -13.52 -11.18
CA THR A 38 -4.30 -14.59 -10.89
C THR A 38 -4.15 -15.35 -12.19
N GLY A 39 -2.96 -15.87 -12.45
CA GLY A 39 -2.77 -16.75 -13.59
C GLY A 39 -1.34 -16.89 -13.96
N LEU A 40 -1.14 -17.79 -14.91
CA LEU A 40 0.16 -18.07 -15.49
C LEU A 40 0.87 -16.84 -16.01
N SER A 41 2.19 -16.90 -16.04
CA SER A 41 2.96 -15.86 -16.65
C SER A 41 2.64 -15.86 -18.15
N GLY A 42 2.40 -14.67 -18.70
CA GLY A 42 1.96 -14.54 -20.09
C GLY A 42 0.48 -14.76 -20.35
N ALA A 43 -0.31 -15.12 -19.32
CA ALA A 43 -1.78 -15.23 -19.45
C ALA A 43 -2.49 -13.94 -19.84
N GLY A 44 -1.94 -12.80 -19.42
CA GLY A 44 -2.45 -11.49 -19.75
C GLY A 44 -2.80 -10.67 -18.51
N LYS A 45 -2.25 -11.06 -17.36
CA LYS A 45 -2.58 -10.38 -16.10
C LYS A 45 -2.29 -8.89 -16.18
N THR A 46 -1.05 -8.52 -16.49
CA THR A 46 -0.68 -7.09 -16.55
C THR A 46 -1.45 -6.34 -17.65
N THR A 47 -1.66 -6.99 -18.79
CA THR A 47 -2.36 -6.33 -19.88
C THR A 47 -3.78 -5.96 -19.46
N VAL A 48 -4.48 -6.88 -18.82
CA VAL A 48 -5.85 -6.68 -18.32
C VAL A 48 -5.88 -5.64 -17.21
N SER A 49 -4.94 -5.76 -16.28
CA SER A 49 -4.92 -4.88 -15.11
C SER A 49 -4.65 -3.42 -15.51
N MET A 50 -3.64 -3.22 -16.36
CA MET A 50 -3.35 -1.87 -16.88
C MET A 50 -4.47 -1.30 -17.77
N ALA A 51 -5.06 -2.09 -18.65
CA ALA A 51 -6.27 -1.69 -19.39
C ALA A 51 -7.49 -1.41 -18.46
N LEU A 52 -7.66 -2.21 -17.43
CA LEU A 52 -8.74 -2.00 -16.49
C LEU A 52 -8.54 -0.68 -15.72
N GLU A 53 -7.32 -0.45 -15.26
CA GLU A 53 -6.98 0.80 -14.56
C GLU A 53 -7.23 1.99 -15.47
N GLU A 54 -6.81 1.90 -16.73
CA GLU A 54 -7.10 2.96 -17.68
C GLU A 54 -8.62 3.13 -17.86
N TYR A 55 -9.33 2.04 -18.06
CA TYR A 55 -10.79 2.09 -18.19
C TYR A 55 -11.47 2.76 -16.99
N LEU A 56 -11.14 2.32 -15.78
CA LEU A 56 -11.74 2.88 -14.57
C LEU A 56 -11.45 4.37 -14.38
N VAL A 57 -10.21 4.77 -14.56
CA VAL A 57 -9.83 6.17 -14.45
C VAL A 57 -10.58 6.96 -15.54
N CYS A 58 -10.65 6.42 -16.75
CA CYS A 58 -11.44 7.06 -17.82
C CYS A 58 -12.92 7.17 -17.46
N HIS A 59 -13.38 6.32 -16.55
CA HIS A 59 -14.76 6.31 -16.18
C HIS A 59 -14.96 6.92 -14.81
N GLY A 60 -14.00 7.74 -14.42
CA GLY A 60 -14.10 8.56 -13.21
C GLY A 60 -13.98 7.77 -11.94
N ILE A 61 -13.31 6.62 -11.99
CA ILE A 61 -13.13 5.80 -10.79
C ILE A 61 -11.67 5.64 -10.45
N PRO A 62 -11.23 6.30 -9.35
CA PRO A 62 -9.87 6.13 -8.90
C PRO A 62 -9.59 4.67 -8.53
N CYS A 63 -8.41 4.23 -8.95
CA CYS A 63 -8.04 2.88 -8.86
C CYS A 63 -6.54 2.87 -8.92
N TYR A 64 -5.96 1.71 -8.68
CA TYR A 64 -4.51 1.58 -8.77
C TYR A 64 -4.18 0.15 -9.00
N THR A 65 -3.31 -0.07 -9.99
CA THR A 65 -2.78 -1.40 -10.26
C THR A 65 -1.49 -1.72 -9.50
N LEU A 66 -1.54 -2.78 -8.69
CA LEU A 66 -0.37 -3.38 -8.07
C LEU A 66 0.07 -4.58 -8.89
N ASP A 67 1.19 -4.43 -9.55
CA ASP A 67 1.60 -5.49 -10.45
C ASP A 67 2.78 -6.21 -9.83
N GLY A 68 2.76 -7.54 -9.89
CA GLY A 68 3.80 -8.35 -9.31
C GLY A 68 5.19 -7.90 -9.70
N ASP A 69 5.41 -7.71 -10.99
CA ASP A 69 6.75 -7.30 -11.44
C ASP A 69 7.20 -5.96 -10.82
N ASN A 70 6.32 -4.97 -10.84
CA ASN A 70 6.61 -3.63 -10.29
C ASN A 70 6.85 -3.65 -8.79
N ILE A 71 5.94 -4.32 -8.10
CA ILE A 71 5.97 -4.45 -6.65
C ILE A 71 7.24 -5.18 -6.23
N ARG A 72 7.59 -6.20 -7.01
CA ARG A 72 8.85 -6.91 -6.79
C ARG A 72 10.10 -6.07 -7.10
N GLN A 73 9.91 -4.88 -7.66
CA GLN A 73 11.04 -3.94 -7.72
C GLN A 73 11.10 -2.93 -6.55
N GLY A 74 10.07 -2.94 -5.70
CA GLY A 74 10.11 -2.07 -4.52
C GLY A 74 9.83 -2.84 -3.25
N LEU A 75 8.57 -2.82 -2.87
CA LEU A 75 8.13 -3.40 -1.61
C LEU A 75 8.60 -4.84 -1.43
N ASN A 76 8.51 -5.63 -2.49
CA ASN A 76 8.82 -7.04 -2.45
C ASN A 76 10.07 -7.41 -3.22
N LYS A 77 10.97 -6.45 -3.32
CA LYS A 77 12.26 -6.64 -3.95
C LYS A 77 13.15 -7.62 -3.17
N ASN A 78 12.81 -7.86 -1.90
CA ASN A 78 13.55 -8.77 -1.01
C ASN A 78 12.90 -10.13 -0.92
N LEU A 79 12.14 -10.46 -1.96
CA LEU A 79 11.51 -11.75 -2.10
C LEU A 79 11.81 -12.39 -3.45
N GLY A 80 12.14 -13.68 -3.39
CA GLY A 80 12.29 -14.49 -4.57
C GLY A 80 11.06 -15.30 -4.86
N PHE A 81 11.27 -16.50 -5.37
CA PHE A 81 10.22 -17.26 -5.99
C PHE A 81 10.03 -18.66 -5.44
N SER A 82 10.76 -18.97 -4.36
CA SER A 82 10.45 -20.15 -3.57
C SER A 82 8.99 -20.05 -3.16
N PRO A 83 8.34 -21.19 -2.84
CA PRO A 83 6.95 -21.14 -2.33
C PRO A 83 6.79 -20.20 -1.11
N GLU A 84 7.68 -20.34 -0.12
CA GLU A 84 7.77 -19.44 1.04
C GLU A 84 7.69 -17.98 0.59
N ASP A 85 8.52 -17.64 -0.39
CA ASP A 85 8.66 -16.26 -0.79
C ASP A 85 7.49 -15.74 -1.61
N ARG A 86 6.86 -16.62 -2.38
CA ARG A 86 5.63 -16.27 -3.06
C ARG A 86 4.49 -16.11 -2.07
N GLU A 87 4.48 -16.91 -1.02
CA GLU A 87 3.49 -16.74 0.04
C GLU A 87 3.59 -15.34 0.64
N GLU A 88 4.81 -14.94 0.99
CA GLU A 88 5.06 -13.65 1.64
C GLU A 88 4.75 -12.50 0.68
N ASN A 89 5.17 -12.67 -0.58
CA ASN A 89 4.90 -11.73 -1.66
C ASN A 89 3.41 -11.39 -1.76
N VAL A 90 2.58 -12.43 -1.86
CA VAL A 90 1.13 -12.28 -1.99
C VAL A 90 0.52 -11.76 -0.69
N ARG A 91 1.04 -12.23 0.44
CA ARG A 91 0.55 -11.79 1.74
C ARG A 91 0.75 -10.29 1.92
N ARG A 92 1.94 -9.81 1.57
CA ARG A 92 2.22 -8.37 1.69
C ARG A 92 1.32 -7.60 0.76
N ILE A 93 1.14 -8.06 -0.48
CA ILE A 93 0.33 -7.28 -1.40
C ILE A 93 -1.15 -7.33 -1.09
N ALA A 94 -1.61 -8.46 -0.56
CA ALA A 94 -2.97 -8.58 -0.12
C ALA A 94 -3.25 -7.54 0.96
N GLU A 95 -2.27 -7.33 1.83
CA GLU A 95 -2.41 -6.34 2.91
C GLU A 95 -2.38 -4.91 2.33
N VAL A 96 -1.47 -4.65 1.41
CA VAL A 96 -1.45 -3.36 0.71
C VAL A 96 -2.77 -3.17 -0.01
N ALA A 97 -3.20 -4.17 -0.77
CA ALA A 97 -4.44 -4.06 -1.54
C ALA A 97 -5.61 -3.70 -0.67
N LYS A 98 -5.65 -4.30 0.52
CA LYS A 98 -6.67 -4.01 1.52
C LYS A 98 -6.63 -2.56 1.95
N LEU A 99 -5.42 -2.01 2.07
CA LEU A 99 -5.24 -0.59 2.35
C LEU A 99 -5.83 0.27 1.24
N PHE A 100 -5.45 -0.01 -0.01
CA PHE A 100 -5.97 0.75 -1.16
C PHE A 100 -7.49 0.74 -1.20
N ALA A 101 -8.05 -0.45 -1.03
CA ALA A 101 -9.49 -0.66 -0.99
C ALA A 101 -10.15 0.09 0.18
N ASP A 102 -9.56 -0.02 1.38
CA ASP A 102 -10.02 0.74 2.54
C ASP A 102 -10.00 2.26 2.30
N ALA A 103 -8.99 2.75 1.57
CA ALA A 103 -8.92 4.15 1.15
C ALA A 103 -10.01 4.55 0.15
N GLY A 104 -10.62 3.58 -0.52
CA GLY A 104 -11.75 3.87 -1.39
C GLY A 104 -11.40 3.65 -2.85
N LEU A 105 -10.20 3.16 -3.10
CA LEU A 105 -9.76 2.97 -4.48
C LEU A 105 -10.13 1.57 -4.89
N VAL A 106 -10.37 1.39 -6.17
CA VAL A 106 -10.45 0.05 -6.70
C VAL A 106 -9.00 -0.39 -6.89
N CYS A 107 -8.60 -1.36 -6.10
CA CYS A 107 -7.27 -1.88 -6.17
C CYS A 107 -7.26 -3.09 -7.09
N ILE A 108 -6.37 -3.06 -8.08
CA ILE A 108 -6.25 -4.16 -9.05
C ILE A 108 -4.88 -4.73 -8.86
N THR A 109 -4.82 -6.01 -8.51
CA THR A 109 -3.54 -6.69 -8.35
C THR A 109 -3.33 -7.65 -9.51
N SER A 110 -2.15 -7.62 -10.12
CA SER A 110 -1.82 -8.54 -11.20
C SER A 110 -0.55 -9.25 -10.76
N PHE A 111 -0.78 -10.26 -9.93
CA PHE A 111 0.27 -11.17 -9.44
C PHE A 111 -0.11 -12.54 -9.97
N ILE A 112 0.90 -13.37 -10.29
CA ILE A 112 0.67 -14.83 -10.54
C ILE A 112 -0.23 -15.41 -9.46
N SER A 113 0.10 -15.16 -8.18
CA SER A 113 -0.62 -15.70 -7.03
C SER A 113 -1.07 -17.15 -7.30
N PRO A 114 -0.08 -18.07 -7.38
CA PRO A 114 -0.26 -19.43 -7.86
C PRO A 114 -0.90 -20.36 -6.83
N TYR A 115 -1.00 -19.92 -5.59
CA TYR A 115 -1.41 -20.81 -4.50
C TYR A 115 -2.76 -20.43 -3.94
N THR A 116 -3.67 -21.38 -4.04
CA THR A 116 -5.05 -21.25 -3.57
C THR A 116 -5.13 -20.63 -2.19
N GLN A 117 -4.44 -21.25 -1.23
CA GLN A 117 -4.47 -20.85 0.17
C GLN A 117 -4.11 -19.38 0.35
N ASP A 118 -3.15 -18.90 -0.45
CA ASP A 118 -2.72 -17.52 -0.35
C ASP A 118 -3.70 -16.55 -1.00
N ARG A 119 -4.38 -16.99 -2.06
CA ARG A 119 -5.43 -16.18 -2.69
C ARG A 119 -6.64 -16.11 -1.78
N ASN A 120 -6.91 -17.22 -1.09
CA ASN A 120 -7.97 -17.26 -0.09
C ASN A 120 -7.64 -16.38 1.10
N ASN A 121 -6.37 -16.39 1.49
CA ASN A 121 -5.90 -15.56 2.60
C ASN A 121 -6.09 -14.07 2.29
N ALA A 122 -5.73 -13.68 1.07
CA ALA A 122 -5.99 -12.36 0.53
C ALA A 122 -7.49 -12.02 0.59
N ARG A 123 -8.33 -12.96 0.20
CA ARG A 123 -9.75 -12.71 0.18
C ARG A 123 -10.19 -12.44 1.60
N GLN A 124 -9.74 -13.28 2.53
CA GLN A 124 -10.24 -13.24 3.89
C GLN A 124 -9.84 -11.97 4.62
N ILE A 125 -8.64 -11.48 4.34
CA ILE A 125 -8.14 -10.16 4.80
C ILE A 125 -9.15 -9.06 4.41
N HIS A 126 -9.63 -9.17 3.17
CA HIS A 126 -10.61 -8.25 2.62
C HIS A 126 -12.00 -8.45 3.20
N GLU A 127 -12.47 -9.71 3.21
CA GLU A 127 -13.75 -10.08 3.82
C GLU A 127 -13.83 -9.59 5.29
N GLY A 128 -12.75 -9.76 6.03
CA GLY A 128 -12.72 -9.35 7.43
C GLY A 128 -12.88 -7.84 7.60
N ALA A 129 -12.37 -7.11 6.61
CA ALA A 129 -12.52 -5.64 6.52
C ALA A 129 -13.79 -5.15 5.80
N SER A 130 -14.68 -6.08 5.41
CA SER A 130 -15.88 -5.76 4.65
C SER A 130 -15.57 -5.04 3.33
N LEU A 131 -14.46 -5.43 2.72
CA LEU A 131 -14.09 -4.95 1.42
C LEU A 131 -14.31 -6.06 0.40
N PRO A 132 -15.10 -5.75 -0.65
CA PRO A 132 -15.34 -6.73 -1.72
C PRO A 132 -14.01 -7.10 -2.35
N PHE A 133 -13.91 -8.36 -2.71
CA PHE A 133 -12.71 -8.92 -3.24
C PHE A 133 -13.16 -9.79 -4.40
N PHE A 134 -12.64 -9.53 -5.58
CA PHE A 134 -13.04 -10.28 -6.76
C PHE A 134 -11.83 -10.96 -7.35
N GLU A 135 -11.84 -12.28 -7.24
CA GLU A 135 -10.79 -13.11 -7.81
C GLU A 135 -11.07 -13.34 -9.27
N VAL A 136 -10.16 -12.88 -10.09
CA VAL A 136 -10.32 -13.02 -11.52
C VAL A 136 -9.25 -13.95 -12.10
N PHE A 137 -9.68 -15.08 -12.65
CA PHE A 137 -8.77 -16.03 -13.23
C PHE A 137 -8.45 -15.59 -14.66
N VAL A 138 -7.23 -15.11 -14.86
CA VAL A 138 -6.76 -14.77 -16.21
C VAL A 138 -6.26 -16.10 -16.75
N ASP A 139 -7.07 -16.71 -17.62
CA ASP A 139 -6.94 -18.12 -17.95
C ASP A 139 -6.53 -18.30 -19.42
N ALA A 140 -5.25 -18.54 -19.64
CA ALA A 140 -4.78 -18.97 -20.95
C ALA A 140 -4.04 -20.28 -20.70
N PRO A 141 -4.19 -21.28 -21.61
CA PRO A 141 -3.46 -22.54 -21.56
C PRO A 141 -1.98 -22.29 -21.44
N LEU A 142 -1.29 -23.07 -20.60
CA LEU A 142 0.13 -22.86 -20.47
C LEU A 142 0.78 -22.88 -21.85
N HIS A 143 0.35 -23.77 -22.75
CA HIS A 143 0.97 -23.84 -24.08
C HIS A 143 0.88 -22.52 -24.84
N VAL A 144 -0.22 -21.79 -24.61
CA VAL A 144 -0.44 -20.47 -25.22
C VAL A 144 0.51 -19.45 -24.57
N CYS A 145 0.54 -19.46 -23.24
CA CYS A 145 1.43 -18.61 -22.49
C CYS A 145 2.88 -18.78 -22.92
N GLU A 146 3.36 -20.02 -23.07
CA GLU A 146 4.72 -20.24 -23.52
C GLU A 146 4.93 -19.75 -24.93
N GLN A 147 3.90 -19.92 -25.78
CA GLN A 147 3.95 -19.46 -27.18
C GLN A 147 4.21 -17.98 -27.19
N ARG A 148 3.40 -17.25 -26.44
CA ARG A 148 3.59 -15.81 -26.27
C ARG A 148 4.99 -15.46 -25.74
N ASP A 149 5.55 -16.30 -24.86
CA ASP A 149 6.82 -16.02 -24.16
C ASP A 149 7.26 -14.57 -24.31
N VAL A 150 6.44 -13.69 -23.73
CA VAL A 150 6.55 -12.24 -23.79
C VAL A 150 7.92 -11.74 -23.36
N LYS A 151 8.41 -12.25 -22.23
CA LYS A 151 9.65 -11.76 -21.66
C LYS A 151 10.80 -12.77 -21.76
N GLY A 152 10.64 -13.74 -22.66
CA GLY A 152 11.62 -14.81 -22.85
C GLY A 152 11.79 -15.76 -21.68
N LEU A 153 10.86 -15.75 -20.73
CA LEU A 153 11.06 -16.44 -19.46
C LEU A 153 10.89 -17.94 -19.56
N TYR A 154 9.91 -18.35 -20.34
CA TYR A 154 9.63 -19.78 -20.53
C TYR A 154 10.78 -20.46 -21.24
N LYS A 155 11.33 -19.78 -22.25
CA LYS A 155 12.55 -20.27 -22.91
C LYS A 155 13.69 -20.40 -21.90
N LYS A 156 13.94 -19.37 -21.09
CA LYS A 156 14.95 -19.47 -20.02
C LYS A 156 14.66 -20.61 -19.07
N ALA A 157 13.40 -20.74 -18.66
CA ALA A 157 12.96 -21.78 -17.73
C ALA A 157 13.17 -23.17 -18.34
N ARG A 158 12.77 -23.33 -19.60
CA ARG A 158 13.00 -24.54 -20.39
C ARG A 158 14.46 -25.02 -20.36
N ALA A 159 15.37 -24.11 -20.73
CA ALA A 159 16.80 -24.39 -20.81
C ALA A 159 17.47 -24.46 -19.43
N GLY A 160 16.65 -24.38 -18.39
CA GLY A 160 17.11 -24.50 -17.02
C GLY A 160 17.73 -23.25 -16.45
N GLU A 161 17.67 -22.16 -17.21
CA GLU A 161 18.32 -20.89 -16.84
C GLU A 161 17.49 -20.08 -15.82
N ILE A 162 16.23 -20.43 -15.65
CA ILE A 162 15.45 -19.90 -14.52
C ILE A 162 14.90 -21.10 -13.75
N LYS A 163 15.19 -21.15 -12.46
CA LYS A 163 14.65 -22.20 -11.61
C LYS A 163 13.30 -21.76 -11.09
N GLY A 164 12.45 -22.72 -10.78
CA GLY A 164 11.19 -22.45 -10.11
C GLY A 164 10.25 -21.55 -10.87
N PHE A 165 10.22 -21.67 -12.19
CA PHE A 165 9.33 -20.85 -13.00
C PHE A 165 7.92 -21.44 -13.03
N THR A 166 6.94 -20.63 -12.64
CA THR A 166 5.55 -21.05 -12.53
C THR A 166 5.09 -21.76 -13.82
N GLY A 167 4.50 -22.94 -13.64
CA GLY A 167 4.01 -23.73 -14.75
C GLY A 167 5.10 -24.56 -15.41
N ILE A 168 6.36 -24.39 -15.00
CA ILE A 168 7.47 -25.13 -15.56
C ILE A 168 8.21 -25.87 -14.42
N ASP A 169 8.54 -25.13 -13.37
CA ASP A 169 9.26 -25.70 -12.20
C ASP A 169 8.70 -25.20 -10.85
N SER A 170 7.45 -24.75 -10.88
CA SER A 170 6.76 -24.25 -9.69
C SER A 170 5.25 -24.40 -9.96
N GLU A 171 4.46 -24.72 -8.94
CA GLU A 171 3.02 -25.02 -9.15
C GLU A 171 2.20 -23.76 -9.49
N TYR A 172 1.20 -23.93 -10.35
CA TYR A 172 0.06 -23.02 -10.42
C TYR A 172 -1.24 -23.78 -10.10
N GLU A 173 -1.89 -23.37 -9.02
CA GLU A 173 -3.12 -24.00 -8.54
C GLU A 173 -4.27 -23.20 -9.11
N LYS A 174 -4.89 -23.81 -10.10
CA LYS A 174 -5.94 -23.20 -10.86
C LYS A 174 -7.06 -22.77 -9.91
N PRO A 175 -7.51 -21.51 -10.03
CA PRO A 175 -8.70 -21.10 -9.31
C PRO A 175 -9.82 -22.07 -9.59
N GLU A 176 -10.51 -22.47 -8.53
CA GLU A 176 -11.69 -23.29 -8.69
C GLU A 176 -12.99 -22.51 -8.46
N ALA A 177 -12.89 -21.39 -7.73
CA ALA A 177 -14.08 -20.60 -7.39
C ALA A 177 -13.91 -19.10 -7.69
N PRO A 178 -13.30 -18.73 -8.84
CA PRO A 178 -13.08 -17.31 -9.01
C PRO A 178 -14.38 -16.63 -9.39
N GLU A 179 -14.47 -15.33 -9.11
CA GLU A 179 -15.66 -14.57 -9.47
C GLU A 179 -15.78 -14.48 -10.97
N LEU A 180 -14.64 -14.45 -11.66
CA LEU A 180 -14.63 -14.27 -13.11
C LEU A 180 -13.47 -15.00 -13.72
N VAL A 181 -13.72 -15.67 -14.86
CA VAL A 181 -12.65 -16.28 -15.64
C VAL A 181 -12.51 -15.50 -16.94
N LEU A 182 -11.27 -15.17 -17.30
CA LEU A 182 -11.00 -14.45 -18.52
C LEU A 182 -10.19 -15.33 -19.43
N LYS A 183 -10.80 -15.71 -20.54
CA LYS A 183 -10.18 -16.61 -21.50
C LYS A 183 -9.40 -15.78 -22.47
N THR A 184 -8.18 -15.42 -22.09
CA THR A 184 -7.44 -14.40 -22.81
C THR A 184 -6.85 -14.93 -24.11
N ASP A 185 -7.02 -16.23 -24.39
CA ASP A 185 -6.55 -16.77 -25.66
C ASP A 185 -7.59 -16.60 -26.76
N SER A 186 -8.83 -16.37 -26.35
CA SER A 186 -9.96 -16.32 -27.27
C SER A 186 -10.67 -14.97 -27.26
N CYS A 187 -10.29 -14.10 -26.32
CA CYS A 187 -10.80 -12.73 -26.19
C CYS A 187 -9.70 -11.74 -26.43
N ASP A 188 -10.06 -10.52 -26.82
CA ASP A 188 -9.09 -9.41 -26.83
C ASP A 188 -9.12 -8.67 -25.49
N VAL A 189 -8.12 -7.83 -25.27
CA VAL A 189 -8.00 -7.09 -24.01
C VAL A 189 -9.28 -6.33 -23.66
N ASN A 190 -9.82 -5.59 -24.61
CA ASN A 190 -11.01 -4.81 -24.33
C ASN A 190 -12.24 -5.65 -24.03
N ASP A 191 -12.36 -6.82 -24.66
CA ASP A 191 -13.40 -7.78 -24.24
C ASP A 191 -13.17 -8.28 -22.82
N CYS A 192 -11.94 -8.51 -22.46
CA CYS A 192 -11.62 -8.90 -21.08
C CYS A 192 -11.95 -7.81 -20.08
N VAL A 193 -11.52 -6.58 -20.38
CA VAL A 193 -11.89 -5.41 -19.57
C VAL A 193 -13.39 -5.31 -19.41
N GLN A 194 -14.12 -5.44 -20.53
CA GLN A 194 -15.57 -5.43 -20.54
C GLN A 194 -16.18 -6.49 -19.58
N GLN A 195 -15.60 -7.69 -19.57
CA GLN A 195 -16.08 -8.73 -18.68
C GLN A 195 -15.85 -8.33 -17.21
N VAL A 196 -14.74 -7.65 -16.94
CA VAL A 196 -14.45 -7.24 -15.55
C VAL A 196 -15.40 -6.13 -15.17
N VAL A 197 -15.60 -5.19 -16.09
CA VAL A 197 -16.56 -4.10 -15.87
C VAL A 197 -17.95 -4.63 -15.59
N GLU A 198 -18.36 -5.66 -16.34
CA GLU A 198 -19.66 -6.24 -16.13
C GLU A 198 -19.76 -6.82 -14.73
N LEU A 199 -18.67 -7.47 -14.28
CA LEU A 199 -18.61 -7.99 -12.92
C LEU A 199 -18.77 -6.84 -11.88
N LEU A 200 -17.96 -5.81 -12.04
CA LEU A 200 -18.00 -4.62 -11.16
C LEU A 200 -19.33 -3.86 -11.17
N GLN A 201 -19.98 -3.78 -12.32
CA GLN A 201 -21.36 -3.28 -12.36
C GLN A 201 -22.33 -4.17 -11.58
N GLU A 202 -22.21 -5.48 -11.73
CA GLU A 202 -23.06 -6.44 -11.02
C GLU A 202 -22.90 -6.33 -9.53
N ARG A 203 -21.68 -6.00 -9.09
CA ARG A 203 -21.32 -5.94 -7.67
C ARG A 203 -21.28 -4.51 -7.14
N ASP A 204 -21.84 -3.56 -7.89
CA ASP A 204 -22.10 -2.20 -7.40
C ASP A 204 -20.80 -1.43 -7.13
N ILE A 205 -19.75 -1.81 -7.83
CA ILE A 205 -18.49 -1.07 -7.76
C ILE A 205 -18.44 -0.07 -8.91
N VAL A 206 -18.81 -0.49 -10.11
CA VAL A 206 -18.96 0.46 -11.21
C VAL A 206 -20.46 0.73 -11.36
N PRO A 207 -20.87 2.01 -11.32
CA PRO A 207 -22.27 2.37 -11.56
C PRO A 207 -22.82 1.78 -12.88
N HIS B 3 16.48 -14.65 -1.73
CA HIS B 3 15.64 -13.56 -1.13
C HIS B 3 15.82 -12.20 -1.81
N MET B 4 15.82 -12.23 -3.13
CA MET B 4 15.91 -11.07 -3.98
C MET B 4 15.01 -11.37 -5.16
N ALA B 5 14.22 -10.39 -5.57
CA ALA B 5 13.47 -10.55 -6.81
C ALA B 5 14.43 -10.49 -7.99
N THR B 6 14.29 -11.49 -8.87
CA THR B 6 15.10 -11.72 -10.04
C THR B 6 14.18 -11.83 -11.25
N ASN B 7 14.72 -11.47 -12.42
CA ASN B 7 14.02 -11.58 -13.70
C ASN B 7 12.65 -10.95 -13.63
N VAL B 8 12.61 -9.75 -13.04
CA VAL B 8 11.39 -8.92 -13.06
C VAL B 8 11.60 -7.72 -13.98
N THR B 9 10.51 -7.33 -14.62
CA THR B 9 10.52 -6.22 -15.57
C THR B 9 9.45 -5.24 -15.15
N TYR B 10 9.81 -3.96 -15.16
CA TYR B 10 8.83 -2.91 -15.02
C TYR B 10 7.68 -3.03 -16.04
N GLN B 11 6.47 -3.00 -15.49
CA GLN B 11 5.25 -2.90 -16.26
C GLN B 11 4.64 -1.49 -16.16
N ALA B 12 4.66 -0.77 -17.27
CA ALA B 12 4.19 0.61 -17.29
C ALA B 12 2.67 0.66 -17.12
N HIS B 13 2.22 1.66 -16.37
CA HIS B 13 0.79 1.97 -16.29
C HIS B 13 0.36 2.70 -17.53
N HIS B 14 -0.93 2.60 -17.84
CA HIS B 14 -1.51 3.25 -19.00
C HIS B 14 -2.27 4.52 -18.60
N VAL B 15 -2.04 4.97 -17.38
CA VAL B 15 -2.67 6.18 -16.86
C VAL B 15 -1.58 7.09 -16.31
N SER B 16 -1.68 8.37 -16.61
CA SER B 16 -0.66 9.29 -16.18
C SER B 16 -1.06 9.88 -14.85
N ARG B 17 -0.07 10.45 -14.20
CA ARG B 17 -0.25 11.24 -12.98
C ARG B 17 -1.30 12.32 -13.23
N ASN B 18 -1.19 12.97 -14.38
CA ASN B 18 -2.15 13.99 -14.78
C ASN B 18 -3.55 13.42 -14.78
N LYS B 19 -3.73 12.27 -15.43
CA LYS B 19 -5.04 11.63 -15.51
C LYS B 19 -5.54 11.26 -14.14
N ARG B 20 -4.66 10.67 -13.32
CA ARG B 20 -4.99 10.35 -11.93
C ARG B 20 -5.49 11.57 -11.14
N GLY B 21 -4.83 12.72 -11.31
CA GLY B 21 -5.22 13.93 -10.59
C GLY B 21 -6.59 14.44 -10.99
N GLN B 22 -7.00 14.16 -12.23
CA GLN B 22 -8.35 14.55 -12.67
C GLN B 22 -9.39 13.63 -12.06
N VAL B 23 -9.02 12.39 -11.77
CA VAL B 23 -9.99 11.40 -11.30
C VAL B 23 -10.08 11.38 -9.78
N VAL B 24 -8.96 11.66 -9.10
CA VAL B 24 -8.86 11.35 -7.67
C VAL B 24 -9.72 12.22 -6.74
N GLY B 25 -9.59 13.52 -6.81
CA GLY B 25 -10.40 14.34 -5.91
C GLY B 25 -11.61 14.89 -6.62
N THR B 26 -12.31 15.79 -5.95
CA THR B 26 -13.27 16.65 -6.64
C THR B 26 -12.56 17.98 -6.83
N ARG B 27 -11.35 18.05 -6.25
CA ARG B 27 -10.46 19.19 -6.37
C ARG B 27 -9.32 18.87 -7.33
N GLY B 28 -9.40 19.43 -8.53
CA GLY B 28 -8.52 19.03 -9.61
C GLY B 28 -7.04 19.20 -9.32
N GLY B 29 -6.23 18.50 -10.11
CA GLY B 29 -4.79 18.57 -9.99
C GLY B 29 -4.31 17.38 -9.19
N PHE B 30 -3.13 16.88 -9.54
CA PHE B 30 -2.51 15.80 -8.81
C PHE B 30 -1.80 16.38 -7.58
N ARG B 31 -1.99 15.75 -6.42
CA ARG B 31 -1.32 16.17 -5.20
C ARG B 31 -0.88 14.95 -4.39
N GLY B 32 -0.58 13.87 -5.08
CA GLY B 32 -0.05 12.70 -4.38
C GLY B 32 1.24 13.12 -3.70
N CYS B 33 1.37 12.71 -2.44
CA CYS B 33 2.58 12.99 -1.67
C CYS B 33 2.53 12.19 -0.41
N THR B 34 3.63 12.21 0.31
CA THR B 34 3.69 11.56 1.60
C THR B 34 4.06 12.52 2.69
N VAL B 35 3.23 12.54 3.71
CA VAL B 35 3.48 13.26 4.93
C VAL B 35 4.01 12.21 5.94
N TRP B 36 5.30 12.27 6.21
CA TRP B 36 5.97 11.25 7.00
C TRP B 36 6.20 11.74 8.43
N LEU B 37 5.43 11.21 9.36
CA LEU B 37 5.60 11.67 10.73
C LEU B 37 6.67 10.81 11.36
N THR B 38 7.32 11.34 12.37
CA THR B 38 8.32 10.57 13.07
C THR B 38 8.39 11.15 14.46
N GLY B 39 8.75 10.33 15.43
CA GLY B 39 8.83 10.80 16.79
C GLY B 39 8.66 9.68 17.77
N LEU B 40 8.98 10.00 19.00
CA LEU B 40 8.85 9.09 20.13
C LEU B 40 7.44 8.52 20.27
N SER B 41 7.35 7.33 20.88
CA SER B 41 6.06 6.81 21.27
C SER B 41 5.41 7.82 22.22
N GLY B 42 4.16 8.15 21.96
CA GLY B 42 3.44 9.08 22.80
C GLY B 42 3.62 10.54 22.45
N ALA B 43 4.46 10.82 21.46
CA ALA B 43 4.72 12.21 21.05
C ALA B 43 3.49 12.84 20.41
N GLY B 44 2.62 12.01 19.83
CA GLY B 44 1.41 12.52 19.17
C GLY B 44 1.23 12.17 17.71
N LYS B 45 2.04 11.22 17.22
CA LYS B 45 1.99 10.84 15.80
C LYS B 45 0.62 10.40 15.32
N THR B 46 0.00 9.45 16.00
CA THR B 46 -1.33 8.94 15.58
C THR B 46 -2.43 10.02 15.70
N THR B 47 -2.39 10.77 16.79
CA THR B 47 -3.37 11.82 17.04
C THR B 47 -3.32 12.84 15.92
N VAL B 48 -2.11 13.26 15.58
CA VAL B 48 -1.93 14.18 14.47
C VAL B 48 -2.32 13.52 13.13
N SER B 49 -1.84 12.30 12.87
CA SER B 49 -2.09 11.64 11.58
C SER B 49 -3.59 11.39 11.36
N MET B 50 -4.29 10.93 12.38
CA MET B 50 -5.74 10.70 12.26
C MET B 50 -6.51 12.00 12.13
N ALA B 51 -6.13 13.01 12.90
CA ALA B 51 -6.72 14.34 12.75
C ALA B 51 -6.43 14.93 11.37
N LEU B 52 -5.19 14.80 10.88
CA LEU B 52 -4.86 15.31 9.56
C LEU B 52 -5.69 14.59 8.48
N GLU B 53 -5.78 13.26 8.58
CA GLU B 53 -6.57 12.47 7.64
C GLU B 53 -8.03 12.93 7.66
N GLU B 54 -8.60 13.06 8.85
CA GLU B 54 -9.97 13.57 8.95
C GLU B 54 -10.09 14.96 8.33
N TYR B 55 -9.15 15.81 8.64
CA TYR B 55 -9.14 17.15 8.09
C TYR B 55 -9.13 17.16 6.57
N LEU B 56 -8.20 16.41 5.98
CA LEU B 56 -8.04 16.41 4.53
C LEU B 56 -9.28 15.83 3.85
N VAL B 57 -9.75 14.69 4.33
CA VAL B 57 -11.03 14.14 3.82
C VAL B 57 -12.14 15.19 3.94
N CYS B 58 -12.26 15.81 5.11
CA CYS B 58 -13.27 16.86 5.30
C CYS B 58 -13.11 18.08 4.40
N HIS B 59 -11.91 18.25 3.84
CA HIS B 59 -11.66 19.32 2.88
C HIS B 59 -11.47 18.80 1.45
N GLY B 60 -12.07 17.65 1.17
CA GLY B 60 -12.13 17.14 -0.18
C GLY B 60 -10.83 16.59 -0.73
N ILE B 61 -9.90 16.24 0.15
CA ILE B 61 -8.62 15.72 -0.30
C ILE B 61 -8.49 14.26 0.10
N PRO B 62 -8.57 13.36 -0.90
CA PRO B 62 -8.32 11.94 -0.67
C PRO B 62 -6.97 11.71 0.01
N CYS B 63 -6.96 10.86 1.01
CA CYS B 63 -5.77 10.61 1.76
C CYS B 63 -5.95 9.32 2.52
N TYR B 64 -4.86 8.79 3.05
CA TYR B 64 -4.95 7.62 3.88
C TYR B 64 -3.78 7.61 4.85
N THR B 65 -4.09 7.28 6.08
CA THR B 65 -3.09 7.21 7.11
C THR B 65 -2.60 5.78 7.31
N LEU B 66 -1.29 5.60 7.15
CA LEU B 66 -0.60 4.35 7.49
C LEU B 66 0.04 4.53 8.85
N ASP B 67 -0.50 3.83 9.84
CA ASP B 67 -0.02 3.98 11.20
C ASP B 67 0.79 2.74 11.63
N GLY B 68 1.88 3.01 12.34
CA GLY B 68 2.87 1.99 12.69
C GLY B 68 2.21 0.83 13.40
N ASP B 69 1.45 1.14 14.45
CA ASP B 69 0.71 0.08 15.19
C ASP B 69 -0.22 -0.74 14.29
N ASN B 70 -0.91 -0.05 13.36
CA ASN B 70 -1.89 -0.72 12.48
C ASN B 70 -1.24 -1.62 11.45
N ILE B 71 -0.18 -1.13 10.81
CA ILE B 71 0.52 -1.82 9.71
C ILE B 71 1.25 -3.01 10.35
N ARG B 72 1.71 -2.82 11.58
CA ARG B 72 2.34 -3.92 12.31
C ARG B 72 1.36 -5.02 12.72
N GLN B 73 0.09 -4.85 12.37
CA GLN B 73 -0.88 -5.94 12.58
C GLN B 73 -1.28 -6.63 11.28
N GLY B 74 -0.79 -6.12 10.18
CA GLY B 74 -1.17 -6.66 8.89
C GLY B 74 0.11 -6.83 8.11
N LEU B 75 0.37 -5.85 7.24
CA LEU B 75 1.54 -5.89 6.39
C LEU B 75 2.81 -6.21 7.14
N ASN B 76 3.01 -5.59 8.29
CA ASN B 76 4.29 -5.73 8.97
C ASN B 76 4.16 -6.51 10.27
N LYS B 77 3.17 -7.39 10.31
CA LYS B 77 2.95 -8.22 11.48
C LYS B 77 4.13 -9.17 11.79
N ASN B 78 4.95 -9.42 10.77
CA ASN B 78 6.08 -10.35 10.86
C ASN B 78 7.42 -9.65 11.10
N LEU B 79 7.37 -8.47 11.72
CA LEU B 79 8.55 -7.72 12.07
C LEU B 79 8.43 -7.33 13.51
N GLY B 80 9.53 -7.48 14.24
CA GLY B 80 9.63 -7.00 15.60
C GLY B 80 10.31 -5.66 15.59
N PHE B 81 11.02 -5.38 16.68
CA PHE B 81 11.55 -4.05 16.97
C PHE B 81 13.05 -4.02 17.13
N SER B 82 13.71 -5.02 16.57
CA SER B 82 15.16 -4.93 16.44
C SER B 82 15.40 -3.82 15.43
N PRO B 83 16.63 -3.26 15.43
CA PRO B 83 16.96 -2.24 14.44
C PRO B 83 16.70 -2.71 13.01
N GLU B 84 17.10 -3.94 12.69
CA GLU B 84 16.90 -4.45 11.32
C GLU B 84 15.44 -4.60 10.94
N ASP B 85 14.61 -4.92 11.94
CA ASP B 85 13.22 -5.12 11.67
C ASP B 85 12.52 -3.79 11.55
N ARG B 86 12.99 -2.79 12.28
CA ARG B 86 12.48 -1.43 12.15
C ARG B 86 12.91 -0.83 10.82
N GLU B 87 14.13 -1.15 10.39
CA GLU B 87 14.58 -0.82 9.05
C GLU B 87 13.64 -1.37 7.97
N GLU B 88 13.31 -2.67 8.09
CA GLU B 88 12.45 -3.35 7.13
C GLU B 88 11.00 -2.86 7.22
N ASN B 89 10.48 -2.67 8.45
CA ASN B 89 9.20 -2.01 8.72
C ASN B 89 9.05 -0.75 7.91
N VAL B 90 9.99 0.18 8.14
CA VAL B 90 9.97 1.50 7.54
C VAL B 90 10.17 1.43 6.03
N ARG B 91 11.04 0.52 5.60
CA ARG B 91 11.29 0.35 4.15
C ARG B 91 10.01 -0.04 3.46
N ARG B 92 9.30 -1.03 4.02
CA ARG B 92 8.08 -1.50 3.40
C ARG B 92 7.06 -0.41 3.34
N ILE B 93 6.87 0.32 4.44
CA ILE B 93 5.84 1.35 4.42
C ILE B 93 6.17 2.55 3.50
N ALA B 94 7.45 2.85 3.33
CA ALA B 94 7.89 3.91 2.43
C ALA B 94 7.50 3.52 1.00
N GLU B 95 7.68 2.26 0.67
CA GLU B 95 7.30 1.73 -0.63
C GLU B 95 5.79 1.79 -0.81
N VAL B 96 5.06 1.42 0.24
CA VAL B 96 3.60 1.52 0.25
C VAL B 96 3.12 2.96 0.21
N ALA B 97 3.73 3.83 1.03
CA ALA B 97 3.51 5.27 0.93
C ALA B 97 3.70 5.82 -0.49
N LYS B 98 4.82 5.46 -1.13
CA LYS B 98 5.08 5.83 -2.51
C LYS B 98 3.90 5.45 -3.45
N LEU B 99 3.37 4.23 -3.28
CA LEU B 99 2.26 3.75 -4.06
C LEU B 99 1.01 4.57 -3.82
N PHE B 100 0.67 4.87 -2.56
CA PHE B 100 -0.48 5.75 -2.27
C PHE B 100 -0.35 7.13 -2.91
N ALA B 101 0.85 7.72 -2.76
CA ALA B 101 1.16 9.01 -3.34
C ALA B 101 1.11 8.95 -4.88
N ASP B 102 1.70 7.93 -5.45
CA ASP B 102 1.61 7.73 -6.89
C ASP B 102 0.17 7.62 -7.36
N ALA B 103 -0.66 6.93 -6.57
CA ALA B 103 -2.10 6.86 -6.81
C ALA B 103 -2.81 8.22 -6.74
N GLY B 104 -2.18 9.22 -6.16
CA GLY B 104 -2.82 10.52 -6.11
C GLY B 104 -3.39 10.87 -4.75
N LEU B 105 -3.20 10.02 -3.75
CA LEU B 105 -3.61 10.33 -2.37
C LEU B 105 -2.50 11.00 -1.60
N VAL B 106 -2.88 11.78 -0.59
CA VAL B 106 -1.95 12.22 0.41
C VAL B 106 -1.84 11.05 1.38
N CYS B 107 -0.65 10.46 1.38
CA CYS B 107 -0.35 9.37 2.30
C CYS B 107 0.30 9.96 3.55
N ILE B 108 -0.28 9.64 4.70
CA ILE B 108 0.21 10.13 5.98
C ILE B 108 0.71 8.93 6.74
N THR B 109 2.01 8.92 7.02
CA THR B 109 2.52 7.82 7.82
C THR B 109 2.79 8.28 9.21
N SER B 110 2.49 7.39 10.16
CA SER B 110 2.75 7.66 11.58
C SER B 110 3.46 6.46 12.19
N PHE B 111 4.76 6.48 11.97
CA PHE B 111 5.67 5.44 12.44
C PHE B 111 6.71 6.19 13.23
N ILE B 112 7.18 5.58 14.32
CA ILE B 112 8.26 6.15 15.13
C ILE B 112 9.40 6.52 14.20
N SER B 113 9.69 5.61 13.27
CA SER B 113 10.75 5.74 12.28
C SER B 113 11.99 6.39 12.91
N PRO B 114 12.64 5.63 13.81
CA PRO B 114 13.63 6.19 14.71
C PRO B 114 14.99 6.41 14.05
N TYR B 115 15.17 5.93 12.82
CA TYR B 115 16.52 5.93 12.23
C TYR B 115 16.63 6.84 11.04
N THR B 116 17.46 7.85 11.19
CA THR B 116 17.71 8.85 10.16
C THR B 116 17.81 8.19 8.78
N GLN B 117 18.67 7.20 8.67
CA GLN B 117 18.99 6.62 7.36
C GLN B 117 17.78 5.97 6.70
N ASP B 118 16.88 5.40 7.50
CA ASP B 118 15.69 4.76 6.96
C ASP B 118 14.63 5.79 6.57
N ARG B 119 14.56 6.89 7.32
CA ARG B 119 13.72 8.02 6.94
C ARG B 119 14.23 8.63 5.66
N ASN B 120 15.56 8.76 5.55
CA ASN B 120 16.19 9.29 4.34
C ASN B 120 15.90 8.42 3.14
N ASN B 121 15.95 7.11 3.34
CA ASN B 121 15.71 6.17 2.27
C ASN B 121 14.26 6.30 1.80
N ALA B 122 13.34 6.46 2.77
CA ALA B 122 11.93 6.65 2.48
C ALA B 122 11.74 7.88 1.61
N ARG B 123 12.46 8.94 1.96
CA ARG B 123 12.41 10.14 1.18
C ARG B 123 12.92 9.88 -0.21
N GLN B 124 13.99 9.10 -0.32
CA GLN B 124 14.66 9.02 -1.60
C GLN B 124 13.86 8.20 -2.61
N ILE B 125 13.15 7.22 -2.07
CA ILE B 125 12.15 6.44 -2.77
C ILE B 125 11.11 7.39 -3.37
N HIS B 126 10.66 8.37 -2.59
CA HIS B 126 9.69 9.32 -3.11
C HIS B 126 10.29 10.28 -4.14
N GLU B 127 11.47 10.81 -3.82
CA GLU B 127 12.22 11.67 -4.72
C GLU B 127 12.49 10.97 -6.05
N GLY B 128 12.83 9.68 -5.99
CA GLY B 128 13.05 8.87 -7.18
C GLY B 128 11.82 8.85 -8.07
N ALA B 129 10.64 9.02 -7.47
CA ALA B 129 9.36 8.96 -8.17
C ALA B 129 8.72 10.34 -8.43
N SER B 130 9.46 11.42 -8.18
CA SER B 130 8.93 12.80 -8.23
C SER B 130 7.61 12.98 -7.45
N LEU B 131 7.59 12.39 -6.25
CA LEU B 131 6.50 12.45 -5.34
C LEU B 131 6.95 13.20 -4.09
N PRO B 132 6.31 14.35 -3.79
CA PRO B 132 6.70 15.15 -2.62
C PRO B 132 6.68 14.32 -1.35
N PHE B 133 7.61 14.62 -0.47
CA PHE B 133 7.79 13.92 0.78
C PHE B 133 8.05 14.93 1.89
N PHE B 134 7.18 14.95 2.89
CA PHE B 134 7.33 15.95 3.96
C PHE B 134 7.57 15.24 5.26
N GLU B 135 8.75 15.42 5.81
CA GLU B 135 9.09 14.77 7.03
C GLU B 135 8.63 15.68 8.14
N VAL B 136 7.78 15.14 9.01
CA VAL B 136 7.23 15.93 10.09
C VAL B 136 7.66 15.33 11.42
N PHE B 137 8.50 16.06 12.14
CA PHE B 137 9.02 15.60 13.42
C PHE B 137 8.00 15.90 14.53
N VAL B 138 7.30 14.86 14.99
CA VAL B 138 6.37 15.04 16.10
C VAL B 138 7.21 15.00 17.37
N ASP B 139 7.45 16.18 17.94
CA ASP B 139 8.51 16.40 18.91
C ASP B 139 7.94 16.81 20.27
N ALA B 140 7.80 15.82 21.16
CA ALA B 140 7.63 16.10 22.56
C ALA B 140 8.85 15.51 23.24
N PRO B 141 9.33 16.15 24.34
CA PRO B 141 10.48 15.65 25.06
C PRO B 141 10.13 14.28 25.60
N LEU B 142 11.13 13.41 25.72
CA LEU B 142 10.87 12.07 26.20
C LEU B 142 10.13 12.09 27.55
N HIS B 143 10.54 12.95 28.48
CA HIS B 143 9.89 12.98 29.81
C HIS B 143 8.41 13.27 29.71
N VAL B 144 8.02 14.06 28.70
CA VAL B 144 6.60 14.35 28.44
C VAL B 144 5.88 13.13 27.87
N CYS B 145 6.50 12.45 26.92
CA CYS B 145 5.90 11.23 26.32
C CYS B 145 5.66 10.16 27.38
N GLU B 146 6.62 10.02 28.30
CA GLU B 146 6.53 9.13 29.43
C GLU B 146 5.36 9.47 30.32
N GLN B 147 5.19 10.75 30.59
CA GLN B 147 4.14 11.21 31.50
C GLN B 147 2.75 11.02 30.93
N ARG B 148 2.59 11.15 29.61
CA ARG B 148 1.33 10.77 28.94
C ARG B 148 1.11 9.24 29.02
N ASP B 149 2.08 8.45 28.55
CA ASP B 149 2.01 6.97 28.60
C ASP B 149 0.59 6.39 28.56
N VAL B 150 -0.17 6.80 27.53
CA VAL B 150 -1.49 6.20 27.21
C VAL B 150 -1.54 4.67 27.21
N LYS B 151 -0.57 4.08 26.53
CA LYS B 151 -0.61 2.65 26.30
C LYS B 151 0.14 1.86 27.37
N GLY B 152 0.64 2.56 28.39
CA GLY B 152 1.36 1.93 29.47
C GLY B 152 2.69 1.34 29.08
N LEU B 153 3.17 1.69 27.88
CA LEU B 153 4.40 1.09 27.32
C LEU B 153 5.65 1.55 28.01
N TYR B 154 5.70 2.83 28.38
CA TYR B 154 6.86 3.37 29.04
C TYR B 154 7.03 2.77 30.42
N LYS B 155 5.92 2.68 31.15
CA LYS B 155 5.93 2.02 32.46
C LYS B 155 6.50 0.59 32.32
N LYS B 156 5.96 -0.18 31.35
CA LYS B 156 6.48 -1.53 31.06
C LYS B 156 7.95 -1.56 30.65
N ALA B 157 8.32 -0.74 29.67
CA ALA B 157 9.70 -0.60 29.27
C ALA B 157 10.61 -0.36 30.48
N ARG B 158 10.24 0.62 31.30
CA ARG B 158 11.02 1.04 32.45
C ARG B 158 11.23 -0.13 33.43
N ALA B 159 10.24 -1.03 33.48
CA ALA B 159 10.27 -2.24 34.32
C ALA B 159 11.06 -3.34 33.63
N GLY B 160 11.32 -3.14 32.34
CA GLY B 160 12.00 -4.14 31.55
C GLY B 160 11.05 -5.24 31.10
N GLU B 161 9.75 -4.99 31.26
CA GLU B 161 8.69 -5.86 30.72
C GLU B 161 8.66 -5.81 29.21
N ILE B 162 8.99 -4.64 28.65
CA ILE B 162 9.17 -4.51 27.19
C ILE B 162 10.62 -4.13 26.89
N LYS B 163 11.34 -5.00 26.22
CA LYS B 163 12.71 -4.73 25.83
C LYS B 163 12.78 -3.90 24.54
N GLY B 164 13.84 -3.12 24.41
CA GLY B 164 14.17 -2.41 23.18
C GLY B 164 13.10 -1.39 22.83
N PHE B 165 12.57 -0.73 23.84
CA PHE B 165 11.54 0.26 23.62
C PHE B 165 12.17 1.60 23.31
N THR B 166 11.71 2.22 22.21
CA THR B 166 12.25 3.50 21.75
C THR B 166 12.32 4.51 22.88
N GLY B 167 13.50 5.13 23.03
CA GLY B 167 13.75 6.16 24.03
C GLY B 167 14.18 5.59 25.37
N ILE B 168 13.86 4.33 25.60
CA ILE B 168 14.22 3.66 26.84
C ILE B 168 15.34 2.64 26.65
N ASP B 169 15.21 1.80 25.62
CA ASP B 169 16.16 0.70 25.37
C ASP B 169 16.34 0.52 23.86
N SER B 170 16.08 1.60 23.13
CA SER B 170 16.28 1.65 21.70
C SER B 170 16.41 3.12 21.31
N GLU B 171 17.15 3.38 20.22
CA GLU B 171 17.53 4.73 19.80
C GLU B 171 16.39 5.47 19.10
N TYR B 172 16.33 6.76 19.35
CA TYR B 172 15.56 7.67 18.50
C TYR B 172 16.52 8.74 17.99
N GLU B 173 16.79 8.69 16.69
CA GLU B 173 17.67 9.66 16.04
C GLU B 173 16.80 10.82 15.59
N LYS B 174 16.96 11.94 16.29
CA LYS B 174 16.19 13.15 16.07
C LYS B 174 16.42 13.66 14.67
N PRO B 175 15.31 13.95 13.96
CA PRO B 175 15.33 14.66 12.70
C PRO B 175 16.11 15.96 12.83
N GLU B 176 17.09 16.11 11.94
CA GLU B 176 17.89 17.33 11.88
C GLU B 176 17.44 18.28 10.79
N ALA B 177 16.73 17.76 9.78
CA ALA B 177 16.20 18.64 8.72
C ALA B 177 14.76 18.28 8.32
N PRO B 178 13.86 18.20 9.31
CA PRO B 178 12.50 17.87 8.85
C PRO B 178 11.86 19.09 8.17
N GLU B 179 10.83 18.87 7.35
CA GLU B 179 10.07 19.98 6.76
C GLU B 179 9.25 20.75 7.80
N LEU B 180 8.86 20.06 8.87
CA LEU B 180 8.07 20.69 9.91
C LEU B 180 8.37 20.00 11.22
N VAL B 181 8.42 20.80 12.28
CA VAL B 181 8.42 20.27 13.63
C VAL B 181 7.10 20.60 14.29
N LEU B 182 6.49 19.61 14.91
CA LEU B 182 5.31 19.77 15.72
C LEU B 182 5.68 19.56 17.19
N LYS B 183 5.75 20.68 17.89
CA LYS B 183 5.98 20.73 19.33
C LYS B 183 4.67 20.38 20.08
N THR B 184 4.38 19.08 20.17
CA THR B 184 3.13 18.57 20.68
C THR B 184 3.00 18.69 22.19
N ASP B 185 4.07 19.11 22.86
CA ASP B 185 3.99 19.44 24.29
C ASP B 185 3.28 20.79 24.55
N SER B 186 3.23 21.64 23.53
CA SER B 186 2.83 23.01 23.76
C SER B 186 1.79 23.50 22.76
N CYS B 187 1.35 22.58 21.89
CA CYS B 187 0.28 22.81 20.92
C CYS B 187 -0.75 21.73 21.11
N ASP B 188 -2.02 22.08 20.90
CA ASP B 188 -3.05 21.04 20.82
C ASP B 188 -3.04 20.40 19.43
N VAL B 189 -3.75 19.29 19.29
CA VAL B 189 -3.79 18.54 18.03
C VAL B 189 -4.28 19.40 16.86
N ASN B 190 -5.35 20.16 17.04
CA ASN B 190 -5.83 21.02 15.97
C ASN B 190 -4.79 22.06 15.55
N ASP B 191 -4.04 22.61 16.50
CA ASP B 191 -2.90 23.44 16.17
C ASP B 191 -1.81 22.70 15.38
N CYS B 192 -1.48 21.48 15.81
CA CYS B 192 -0.51 20.67 15.06
C CYS B 192 -1.04 20.37 13.64
N VAL B 193 -2.33 20.05 13.54
CA VAL B 193 -2.99 19.85 12.23
C VAL B 193 -2.85 21.11 11.34
N GLN B 194 -3.16 22.27 11.93
CA GLN B 194 -3.09 23.54 11.19
C GLN B 194 -1.69 23.83 10.64
N GLN B 195 -0.65 23.50 11.43
CA GLN B 195 0.72 23.64 10.94
C GLN B 195 1.03 22.70 9.75
N VAL B 196 0.52 21.47 9.79
CA VAL B 196 0.78 20.54 8.68
C VAL B 196 -0.01 21.04 7.46
N VAL B 197 -1.27 21.43 7.67
CA VAL B 197 -2.06 22.01 6.61
C VAL B 197 -1.37 23.26 5.99
N GLU B 198 -0.77 24.09 6.85
CA GLU B 198 -0.03 25.24 6.42
C GLU B 198 1.16 24.88 5.52
N LEU B 199 1.93 23.88 5.94
CA LEU B 199 2.99 23.30 5.15
C LEU B 199 2.44 22.80 3.80
N LEU B 200 1.38 22.01 3.86
CA LEU B 200 0.79 21.45 2.64
C LEU B 200 0.28 22.54 1.67
N GLN B 201 -0.20 23.66 2.21
CA GLN B 201 -0.58 24.82 1.38
C GLN B 201 0.63 25.49 0.72
N GLU B 202 1.71 25.68 1.49
CA GLU B 202 2.98 26.20 0.96
C GLU B 202 3.47 25.35 -0.21
N ARG B 203 3.34 24.04 -0.06
CA ARG B 203 3.86 23.09 -1.04
C ARG B 203 2.82 22.79 -2.11
N ASP B 204 1.73 23.55 -2.10
CA ASP B 204 0.64 23.45 -3.09
C ASP B 204 -0.04 22.09 -3.07
N ILE B 205 0.05 21.38 -1.94
CA ILE B 205 -0.71 20.14 -1.79
C ILE B 205 -2.15 20.41 -1.41
N VAL B 206 -2.38 21.29 -0.43
CA VAL B 206 -3.72 21.81 -0.21
C VAL B 206 -3.78 23.16 -0.93
N PRO B 207 -4.81 23.36 -1.79
CA PRO B 207 -5.00 24.71 -2.38
C PRO B 207 -5.11 25.84 -1.34
#